data_8SJR
#
_entry.id   8SJR
#
_cell.length_a   170.214
_cell.length_b   170.214
_cell.length_c   80.252
_cell.angle_alpha   90.000
_cell.angle_beta   90.000
_cell.angle_gamma   120.000
#
_symmetry.space_group_name_H-M   'H 3'
#
loop_
_entity.id
_entity.type
_entity.pdbx_description
1 polymer "DNA (5'-D(*CP*AP*GP*CP*AP*GP*CP*CP*TP*GP*AP*AP*TP*AP*CP*CP*GP*CP*A)-3')"
2 polymer "DNA (5'-D(P*GP*CP*GP*GP*TP*AP*TP*TP*CP*AP*CP*CP*AP*CP*GP*AP*T)-3')"
3 polymer "DNA (5'-D(*TP*GP*CP*GP*CP*TP*GP*TP*GP*GP*CP*TP*GP*C)-3')"
4 polymer "DNA (5'-D(P*TP*CP*GP*TP*GP*GP*AP*CP*AP*GP*CP*G)-3')"
#
loop_
_entity_poly.entity_id
_entity_poly.type
_entity_poly.pdbx_seq_one_letter_code
_entity_poly.pdbx_strand_id
1 'polydeoxyribonucleotide' (DC)(DA)(DG)(DC)(DA)(DG)(DC)(DC)(DT)(DG)(DA)(DA)(DT)(DA)(DC)(DC)(DG)(DC)(DA) A
2 'polydeoxyribonucleotide' (DG)(DC)(DG)(DG)(DT)(DA)(DT)(DT)(DC)(DA)(DC)(DC)(DA)(DC)(DG)(DA)(DT) B
3 'polydeoxyribonucleotide' (DT)(DG)(DC)(DG)(DC)(DT)(DG)(DT)(DG)(DG)(DC)(DT)(DG)(DC) C
4 'polydeoxyribonucleotide' (DT)(DC)(DG)(DT)(DG)(DG)(DA)(DC)(DA)(DG)(DC)(DG) D
#
loop_
_chem_comp.id
_chem_comp.type
_chem_comp.name
_chem_comp.formula
DA DNA linking 2'-DEOXYADENOSINE-5'-MONOPHOSPHATE 'C10 H14 N5 O6 P'
DC DNA linking 2'-DEOXYCYTIDINE-5'-MONOPHOSPHATE 'C9 H14 N3 O7 P'
DG DNA linking 2'-DEOXYGUANOSINE-5'-MONOPHOSPHATE 'C10 H14 N5 O7 P'
DT DNA linking THYMIDINE-5'-MONOPHOSPHATE 'C10 H15 N2 O8 P'
#